data_4PC8
#
_entry.id   4PC8
#
_cell.length_a   62.620
_cell.length_b   62.620
_cell.length_c   136.010
_cell.angle_alpha   90.00
_cell.angle_beta   90.00
_cell.angle_gamma   90.00
#
_symmetry.space_group_name_H-M   'P 43 21 2'
#
loop_
_entity.id
_entity.type
_entity.pdbx_description
1 polymer Ma21-TIM
2 non-polymer 'GLYCOLIC ACID'
3 water water
#
_entity_poly.entity_id   1
_entity_poly.type   'polypeptide(L)'
_entity_poly.pdbx_seq_one_letter_code
;MSKPQPIAAANWKSGSPDSLSELIDLFNSTSINHDVQCVVASTFVHLAMTKERLSHPKFVIAALNAGNADALASLKDFGV
NWIVLGHSERRWYYGETNEIVADKVAAAVASGFMVIACIGETLQERESGRTAVVVLTQIAAIAKKLKKADWAKVVIAYEP
VWAIGTGKVATPQQAQEAHALIRSWVSSKIGADVAGELRILYGGSVNGKNARTLYQQRDVNGFLAGLKPEFVDIIKATQ
;
_entity_poly.pdbx_strand_id   A
#
loop_
_chem_comp.id
_chem_comp.type
_chem_comp.name
_chem_comp.formula
GOA non-polymer 'GLYCOLIC ACID' 'C2 H4 O3'
#
# COMPACT_ATOMS: atom_id res chain seq x y z
N MET A 1 5.60 -2.04 22.31
CA MET A 1 5.39 -2.07 20.83
C MET A 1 6.03 -0.84 20.17
N SER A 2 7.16 -1.05 19.50
CA SER A 2 7.87 0.01 18.81
C SER A 2 7.25 0.30 17.42
N LYS A 3 6.98 -0.74 16.61
CA LYS A 3 6.38 -0.48 15.30
C LYS A 3 4.96 0.07 15.44
N PRO A 4 4.58 0.96 14.53
CA PRO A 4 3.16 1.32 14.41
C PRO A 4 2.24 0.15 13.98
N GLN A 5 0.92 0.36 14.01
CA GLN A 5 0.01 -0.67 13.65
C GLN A 5 0.31 -1.13 12.22
N PRO A 6 0.45 -2.45 12.02
CA PRO A 6 0.65 -2.93 10.65
C PRO A 6 -0.57 -2.89 9.78
N ILE A 7 -0.33 -2.92 8.47
CA ILE A 7 -1.38 -3.02 7.49
C ILE A 7 -1.11 -4.20 6.56
N ALA A 8 -2.17 -4.94 6.24
CA ALA A 8 -2.11 -5.98 5.21
C ALA A 8 -3.21 -5.69 4.21
N ALA A 9 -2.83 -5.39 2.97
CA ALA A 9 -3.76 -5.00 1.92
C ALA A 9 -3.75 -5.98 0.78
N ALA A 10 -4.91 -6.46 0.45
CA ALA A 10 -5.11 -7.42 -0.65
C ALA A 10 -5.74 -6.67 -1.81
N ASN A 11 -5.21 -6.89 -2.98
CA ASN A 11 -5.68 -6.21 -4.16
CA ASN A 11 -5.63 -6.19 -4.19
C ASN A 11 -6.37 -7.18 -5.10
N TRP A 12 -7.59 -6.84 -5.47
CA TRP A 12 -8.41 -7.61 -6.44
C TRP A 12 -8.61 -6.72 -7.65
N LYS A 13 -7.71 -6.84 -8.60
CA LYS A 13 -7.78 -6.00 -9.83
C LYS A 13 -8.79 -6.52 -10.90
N SER A 14 -9.13 -7.81 -10.78
CA SER A 14 -9.86 -8.58 -11.80
C SER A 14 -10.20 -9.98 -11.27
N GLY A 15 -11.19 -10.60 -11.90
CA GLY A 15 -11.58 -11.98 -11.60
C GLY A 15 -13.08 -12.06 -11.35
N SER A 16 -13.57 -13.29 -11.33
CA SER A 16 -14.99 -13.59 -11.19
C SER A 16 -15.61 -13.08 -9.88
N PRO A 17 -16.75 -12.38 -9.97
CA PRO A 17 -17.51 -12.09 -8.74
C PRO A 17 -17.75 -13.32 -7.83
N ASP A 18 -17.94 -14.50 -8.42
CA ASP A 18 -18.12 -15.72 -7.63
C ASP A 18 -16.87 -16.16 -6.87
N SER A 19 -15.70 -16.09 -7.51
CA SER A 19 -14.45 -16.41 -6.82
C SER A 19 -14.10 -15.33 -5.78
N LEU A 20 -14.44 -14.07 -6.04
CA LEU A 20 -14.29 -13.03 -5.02
C LEU A 20 -15.17 -13.29 -3.81
N SER A 21 -16.42 -13.63 -4.07
CA SER A 21 -17.38 -13.87 -3.00
C SER A 21 -16.86 -14.94 -2.07
N GLU A 22 -16.21 -15.95 -2.64
CA GLU A 22 -15.67 -17.06 -1.85
C GLU A 22 -14.48 -16.64 -0.98
N LEU A 23 -13.60 -15.80 -1.55
CA LEU A 23 -12.45 -15.28 -0.79
C LEU A 23 -12.95 -14.40 0.34
N ILE A 24 -13.99 -13.60 0.09
CA ILE A 24 -14.50 -12.74 1.15
C ILE A 24 -15.10 -13.55 2.30
N ASP A 25 -15.77 -14.66 1.97
CA ASP A 25 -16.29 -15.59 3.01
C ASP A 25 -15.18 -16.17 3.87
N LEU A 26 -14.07 -16.52 3.21
CA LEU A 26 -12.89 -17.02 3.90
C LEU A 26 -12.40 -15.96 4.88
N PHE A 27 -12.22 -14.71 4.38
CA PHE A 27 -11.75 -13.68 5.27
C PHE A 27 -12.71 -13.38 6.39
N ASN A 28 -14.02 -13.37 6.10
CA ASN A 28 -15.00 -13.07 7.13
C ASN A 28 -14.95 -14.10 8.28
N SER A 29 -14.56 -15.34 7.97
CA SER A 29 -14.52 -16.44 8.94
C SER A 29 -13.18 -16.52 9.71
N THR A 30 -12.18 -15.72 9.33
CA THR A 30 -10.82 -15.86 9.83
C THR A 30 -10.70 -15.10 11.13
N SER A 31 -10.31 -15.76 12.21
CA SER A 31 -9.97 -15.01 13.41
C SER A 31 -8.54 -14.48 13.33
N ILE A 32 -8.41 -13.21 13.66
CA ILE A 32 -7.17 -12.52 13.68
C ILE A 32 -6.87 -12.01 15.09
N ASN A 33 -5.75 -12.46 15.61
CA ASN A 33 -5.44 -12.39 17.03
C ASN A 33 -4.87 -10.99 17.44
N HIS A 34 -4.15 -10.34 16.52
CA HIS A 34 -3.38 -9.15 16.82
C HIS A 34 -3.94 -7.91 16.14
N ASP A 35 -3.41 -6.76 16.53
CA ASP A 35 -3.80 -5.48 16.00
C ASP A 35 -3.17 -5.29 14.61
N VAL A 36 -4.00 -5.35 13.60
CA VAL A 36 -3.55 -5.13 12.19
C VAL A 36 -4.76 -4.54 11.47
N GLN A 37 -4.53 -3.56 10.59
CA GLN A 37 -5.56 -3.12 9.70
C GLN A 37 -5.48 -3.87 8.39
N CYS A 38 -6.51 -4.61 8.10
CA CYS A 38 -6.58 -5.38 6.84
C CYS A 38 -7.42 -4.54 5.88
N VAL A 39 -7.06 -4.62 4.61
CA VAL A 39 -7.66 -3.82 3.56
C VAL A 39 -7.95 -4.71 2.36
N VAL A 40 -9.14 -4.63 1.78
CA VAL A 40 -9.44 -5.26 0.49
C VAL A 40 -9.63 -4.13 -0.51
N ALA A 41 -8.72 -4.03 -1.45
CA ALA A 41 -8.74 -3.00 -2.50
C ALA A 41 -9.18 -3.56 -3.82
N SER A 42 -10.09 -2.83 -4.47
CA SER A 42 -10.52 -3.29 -5.79
C SER A 42 -10.86 -2.13 -6.69
N THR A 43 -10.93 -2.41 -7.98
CA THR A 43 -11.42 -1.41 -8.93
C THR A 43 -12.90 -1.17 -8.71
N PHE A 44 -13.38 -0.07 -9.30
CA PHE A 44 -14.78 0.29 -9.17
C PHE A 44 -15.79 -0.75 -9.47
N VAL A 45 -15.55 -1.53 -10.53
CA VAL A 45 -16.50 -2.54 -10.95
C VAL A 45 -16.76 -3.64 -9.93
N HIS A 46 -15.86 -3.80 -8.95
CA HIS A 46 -15.98 -4.83 -7.95
C HIS A 46 -16.32 -4.31 -6.56
N LEU A 47 -16.33 -2.99 -6.41
CA LEU A 47 -16.56 -2.38 -5.10
C LEU A 47 -17.92 -2.65 -4.50
N ALA A 48 -18.96 -2.69 -5.33
CA ALA A 48 -20.28 -2.90 -4.74
C ALA A 48 -20.35 -4.31 -4.16
N MET A 49 -19.76 -5.27 -4.82
CA MET A 49 -19.75 -6.61 -4.20
C MET A 49 -18.95 -6.65 -2.90
N THR A 50 -17.75 -6.07 -2.95
CA THR A 50 -16.91 -6.09 -1.74
C THR A 50 -17.56 -5.39 -0.56
N LYS A 51 -18.16 -4.22 -0.79
CA LYS A 51 -18.78 -3.45 0.26
C LYS A 51 -19.96 -4.24 0.86
N GLU A 52 -20.70 -4.95 0.01
CA GLU A 52 -21.87 -5.69 0.43
C GLU A 52 -21.48 -6.92 1.26
N ARG A 53 -20.47 -7.65 0.82
CA ARG A 53 -20.11 -8.95 1.41
C ARG A 53 -19.11 -8.93 2.59
N LEU A 54 -18.16 -8.00 2.57
CA LEU A 54 -17.11 -8.01 3.58
C LEU A 54 -17.66 -7.55 4.91
N SER A 55 -17.44 -8.30 6.00
CA SER A 55 -17.96 -7.94 7.31
C SER A 55 -17.02 -8.03 8.53
N HIS A 56 -15.77 -8.35 8.31
CA HIS A 56 -14.84 -8.54 9.40
C HIS A 56 -14.46 -7.21 10.03
N PRO A 57 -14.47 -7.11 11.35
CA PRO A 57 -14.16 -5.85 12.00
C PRO A 57 -12.74 -5.30 11.78
N LYS A 58 -11.78 -6.16 11.42
CA LYS A 58 -10.44 -5.69 11.14
C LYS A 58 -10.23 -5.36 9.69
N PHE A 59 -11.26 -5.44 8.86
CA PHE A 59 -11.11 -5.09 7.45
C PHE A 59 -11.81 -3.79 7.06
N VAL A 60 -11.17 -3.04 6.16
CA VAL A 60 -11.80 -1.91 5.46
C VAL A 60 -11.67 -2.10 3.97
N ILE A 61 -12.51 -1.42 3.18
CA ILE A 61 -12.47 -1.45 1.78
C ILE A 61 -11.73 -0.22 1.21
N ALA A 62 -10.95 -0.46 0.17
CA ALA A 62 -10.25 0.58 -0.57
C ALA A 62 -10.54 0.51 -2.03
N ALA A 63 -10.42 1.65 -2.71
CA ALA A 63 -10.53 1.71 -4.13
C ALA A 63 -9.16 1.69 -4.76
N LEU A 64 -8.98 0.89 -5.79
CA LEU A 64 -7.70 0.94 -6.54
C LEU A 64 -7.72 2.03 -7.59
N ASN A 65 -6.77 2.97 -7.54
CA ASN A 65 -6.60 4.06 -8.57
C ASN A 65 -7.96 4.63 -8.98
N ALA A 66 -8.55 5.33 -8.02
CA ALA A 66 -9.94 5.81 -7.99
C ALA A 66 -10.38 6.79 -9.05
N GLY A 67 -9.50 7.69 -9.49
CA GLY A 67 -9.83 8.67 -10.53
C GLY A 67 -9.93 10.08 -9.94
N ASN A 68 -10.82 10.89 -10.51
CA ASN A 68 -10.89 12.34 -10.25
C ASN A 68 -11.74 12.73 -9.07
N ALA A 69 -12.01 14.02 -8.97
CA ALA A 69 -12.90 14.54 -7.95
C ALA A 69 -14.28 13.89 -7.89
N ASP A 70 -14.93 13.71 -9.05
CA ASP A 70 -16.23 13.06 -9.11
C ASP A 70 -16.16 11.63 -8.52
N ALA A 71 -15.13 10.93 -8.87
CA ALA A 71 -14.91 9.55 -8.40
C ALA A 71 -14.67 9.52 -6.89
N LEU A 72 -13.82 10.41 -6.36
CA LEU A 72 -13.67 10.47 -4.92
C LEU A 72 -14.94 10.78 -4.23
N ALA A 73 -15.73 11.72 -4.76
CA ALA A 73 -17.03 11.98 -4.16
C ALA A 73 -18.00 10.79 -4.19
N SER A 74 -17.96 10.07 -5.28
CA SER A 74 -18.78 8.83 -5.40
C SER A 74 -18.32 7.77 -4.42
N LEU A 75 -16.99 7.69 -4.22
CA LEU A 75 -16.54 6.77 -3.14
C LEU A 75 -16.96 7.16 -1.76
N LYS A 76 -16.80 8.43 -1.42
CA LYS A 76 -17.16 8.93 -0.11
C LYS A 76 -18.66 8.69 0.17
N ASP A 77 -19.49 8.90 -0.84
CA ASP A 77 -20.94 8.76 -0.67
C ASP A 77 -21.36 7.28 -0.60
N PHE A 78 -20.51 6.38 -1.07
CA PHE A 78 -20.71 4.93 -0.92
C PHE A 78 -20.06 4.33 0.34
N GLY A 79 -19.33 5.12 1.13
CA GLY A 79 -18.78 4.64 2.35
C GLY A 79 -17.39 4.05 2.26
N VAL A 80 -16.69 4.39 1.19
CA VAL A 80 -15.31 3.88 0.99
C VAL A 80 -14.38 5.00 1.35
N ASN A 81 -13.42 4.73 2.25
CA ASN A 81 -12.61 5.82 2.82
C ASN A 81 -11.11 5.63 2.64
N TRP A 82 -10.74 4.63 1.89
CA TRP A 82 -9.32 4.30 1.58
C TRP A 82 -9.16 4.23 0.09
N ILE A 83 -8.00 4.68 -0.37
CA ILE A 83 -7.60 4.56 -1.75
C ILE A 83 -6.14 4.07 -1.86
N VAL A 84 -5.86 3.29 -2.88
CA VAL A 84 -4.50 2.82 -3.20
C VAL A 84 -4.10 3.45 -4.47
N LEU A 85 -2.98 4.16 -4.47
CA LEU A 85 -2.42 4.82 -5.68
C LEU A 85 -1.17 4.06 -6.11
N GLY A 86 -1.27 3.31 -7.20
CA GLY A 86 -0.19 2.45 -7.67
C GLY A 86 0.77 3.19 -8.55
N HIS A 87 1.51 4.14 -7.98
CA HIS A 87 2.33 4.98 -8.73
C HIS A 87 3.56 4.32 -9.38
N SER A 88 4.21 3.43 -8.67
CA SER A 88 5.44 2.83 -9.23
C SER A 88 5.10 2.07 -10.51
N GLU A 89 3.97 1.37 -10.52
CA GLU A 89 3.51 0.65 -11.71
C GLU A 89 3.07 1.64 -12.80
N ARG A 90 2.28 2.66 -12.48
CA ARG A 90 1.81 3.61 -13.47
C ARG A 90 2.91 4.48 -14.06
N ARG A 91 3.94 4.78 -13.26
CA ARG A 91 5.12 5.47 -13.78
C ARG A 91 5.82 4.63 -14.90
N TRP A 92 5.92 3.33 -14.68
CA TRP A 92 6.54 2.41 -15.67
C TRP A 92 5.65 2.25 -16.90
N TYR A 93 4.41 1.82 -16.73
CA TYR A 93 3.55 1.42 -17.89
C TYR A 93 3.04 2.64 -18.60
N TYR A 94 2.80 3.75 -17.91
CA TYR A 94 2.11 4.89 -18.53
C TYR A 94 2.89 6.22 -18.50
N GLY A 95 4.05 6.24 -17.85
CA GLY A 95 4.75 7.50 -17.65
C GLY A 95 4.12 8.49 -16.72
N GLU A 96 3.35 8.00 -15.77
CA GLU A 96 2.70 8.91 -14.83
C GLU A 96 3.79 9.68 -14.10
N THR A 97 3.65 11.00 -14.00
CA THR A 97 4.67 11.80 -13.36
C THR A 97 4.52 11.78 -11.84
N ASN A 98 5.62 12.03 -11.15
CA ASN A 98 5.62 12.16 -9.69
C ASN A 98 4.71 13.28 -9.20
N GLU A 99 4.56 14.34 -9.98
CA GLU A 99 3.74 15.47 -9.57
C GLU A 99 2.28 15.09 -9.65
N ILE A 100 1.90 14.25 -10.62
CA ILE A 100 0.49 13.80 -10.73
C ILE A 100 0.09 12.95 -9.54
N VAL A 101 0.89 12.00 -9.13
CA VAL A 101 0.57 11.23 -7.93
C VAL A 101 0.52 12.15 -6.69
N ALA A 102 1.42 13.11 -6.60
CA ALA A 102 1.49 13.96 -5.39
C ALA A 102 0.19 14.74 -5.31
N ASP A 103 -0.31 15.25 -6.45
CA ASP A 103 -1.58 15.98 -6.40
C ASP A 103 -2.74 15.07 -6.05
N LYS A 104 -2.72 13.83 -6.53
CA LYS A 104 -3.74 12.83 -6.17
C LYS A 104 -3.73 12.53 -4.69
N VAL A 105 -2.55 12.37 -4.09
CA VAL A 105 -2.47 12.14 -2.66
C VAL A 105 -3.08 13.29 -1.87
N ALA A 106 -2.74 14.51 -2.25
CA ALA A 106 -3.22 15.67 -1.50
C ALA A 106 -4.71 15.81 -1.69
N ALA A 107 -5.23 15.52 -2.87
CA ALA A 107 -6.70 15.66 -3.11
C ALA A 107 -7.44 14.64 -2.27
N ALA A 108 -6.94 13.41 -2.25
CA ALA A 108 -7.60 12.40 -1.45
C ALA A 108 -7.57 12.72 0.05
N VAL A 109 -6.41 13.15 0.53
CA VAL A 109 -6.32 13.52 1.95
C VAL A 109 -7.32 14.68 2.24
N ALA A 110 -7.38 15.64 1.35
CA ALA A 110 -8.27 16.79 1.58
C ALA A 110 -9.73 16.36 1.63
N SER A 111 -10.07 15.31 0.91
CA SER A 111 -11.43 14.78 0.89
C SER A 111 -11.69 13.77 2.01
N GLY A 112 -10.77 13.57 2.95
CA GLY A 112 -10.96 12.72 4.10
C GLY A 112 -10.52 11.29 3.97
N PHE A 113 -9.81 10.96 2.87
CA PHE A 113 -9.40 9.55 2.70
C PHE A 113 -8.08 9.20 3.39
N MET A 114 -7.93 7.94 3.73
CA MET A 114 -6.64 7.34 4.01
C MET A 114 -6.07 6.86 2.65
N VAL A 115 -4.80 7.09 2.41
CA VAL A 115 -4.19 6.87 1.12
C VAL A 115 -2.95 6.03 1.26
N ILE A 116 -2.89 4.93 0.52
CA ILE A 116 -1.66 4.14 0.37
C ILE A 116 -1.01 4.55 -0.95
N ALA A 117 0.16 5.16 -0.88
CA ALA A 117 0.87 5.60 -2.07
C ALA A 117 2.04 4.70 -2.30
N CYS A 118 2.05 4.05 -3.47
CA CYS A 118 3.08 3.07 -3.83
C CYS A 118 4.21 3.72 -4.64
N ILE A 119 5.43 3.65 -4.15
CA ILE A 119 6.60 4.28 -4.78
C ILE A 119 7.64 3.21 -5.05
N GLY A 120 8.54 3.44 -5.99
CA GLY A 120 9.50 2.40 -6.35
C GLY A 120 10.13 2.63 -7.71
N GLU A 121 11.26 1.93 -7.88
CA GLU A 121 12.13 2.08 -9.03
C GLU A 121 11.89 0.96 -10.05
N THR A 122 12.40 1.22 -11.24
CA THR A 122 12.36 0.22 -12.31
C THR A 122 13.53 -0.76 -12.24
N LEU A 123 13.45 -1.82 -13.06
CA LEU A 123 14.58 -2.76 -13.15
C LEU A 123 15.92 -2.10 -13.51
N GLN A 124 15.89 -1.26 -14.52
CA GLN A 124 17.13 -0.59 -14.93
C GLN A 124 17.67 0.40 -13.95
N GLU A 125 16.74 1.09 -13.27
CA GLU A 125 17.15 1.94 -12.17
C GLU A 125 17.83 1.17 -11.08
N ARG A 126 17.31 0.01 -10.72
CA ARG A 126 17.93 -0.82 -9.71
C ARG A 126 19.32 -1.29 -10.10
N GLU A 127 19.39 -1.83 -11.31
CA GLU A 127 20.66 -2.31 -11.85
C GLU A 127 21.77 -1.25 -11.90
N SER A 128 21.42 0.02 -12.19
CA SER A 128 22.38 1.08 -12.30
C SER A 128 22.62 1.88 -11.04
N GLY A 129 22.10 1.45 -9.88
CA GLY A 129 22.36 2.20 -8.66
C GLY A 129 21.54 3.43 -8.46
N ARG A 130 20.48 3.59 -9.27
CA ARG A 130 19.65 4.82 -9.17
C ARG A 130 18.49 4.76 -8.14
N THR A 131 18.36 3.64 -7.45
CA THR A 131 17.21 3.40 -6.53
C THR A 131 17.02 4.55 -5.56
N ALA A 132 18.04 4.92 -4.79
CA ALA A 132 17.87 5.90 -3.74
C ALA A 132 17.41 7.22 -4.32
N VAL A 133 18.08 7.72 -5.38
CA VAL A 133 17.68 8.97 -6.01
C VAL A 133 16.21 8.89 -6.54
N VAL A 134 15.87 7.80 -7.20
CA VAL A 134 14.55 7.68 -7.75
C VAL A 134 13.48 7.63 -6.65
N VAL A 135 13.68 6.80 -5.66
CA VAL A 135 12.70 6.69 -4.55
C VAL A 135 12.58 7.97 -3.78
N LEU A 136 13.73 8.60 -3.44
CA LEU A 136 13.67 9.84 -2.72
C LEU A 136 13.01 10.97 -3.51
N THR A 137 13.15 10.96 -4.83
CA THR A 137 12.49 11.97 -5.68
C THR A 137 10.96 11.80 -5.58
N GLN A 138 10.52 10.55 -5.54
CA GLN A 138 9.09 10.27 -5.44
C GLN A 138 8.55 10.71 -4.10
N ILE A 139 9.18 10.32 -3.01
CA ILE A 139 8.67 10.75 -1.67
C ILE A 139 8.71 12.25 -1.53
N ALA A 140 9.76 12.91 -2.01
CA ALA A 140 9.80 14.39 -1.94
C ALA A 140 8.71 15.09 -2.71
N ALA A 141 8.27 14.52 -3.83
CA ALA A 141 7.19 15.13 -4.61
C ALA A 141 5.87 15.04 -3.81
N ILE A 142 5.65 13.88 -3.25
CA ILE A 142 4.46 13.68 -2.38
C ILE A 142 4.51 14.67 -1.23
N ALA A 143 5.63 14.76 -0.55
CA ALA A 143 5.73 15.59 0.64
C ALA A 143 5.47 17.06 0.36
N LYS A 144 5.85 17.50 -0.83
CA LYS A 144 5.71 18.88 -1.26
C LYS A 144 4.29 19.36 -1.16
N LYS A 145 3.33 18.44 -1.38
CA LYS A 145 1.92 18.76 -1.39
C LYS A 145 1.17 18.49 -0.04
N LEU A 146 1.87 18.03 0.97
CA LEU A 146 1.32 17.73 2.28
C LEU A 146 1.82 18.66 3.37
N LYS A 147 0.96 18.95 4.34
CA LYS A 147 1.44 19.52 5.58
C LYS A 147 1.79 18.45 6.56
N LYS A 148 2.58 18.81 7.59
CA LYS A 148 2.97 17.80 8.55
C LYS A 148 1.82 16.99 9.15
N ALA A 149 0.72 17.65 9.54
CA ALA A 149 -0.39 16.96 10.14
C ALA A 149 -1.14 16.02 9.19
N ASP A 150 -0.88 16.15 7.89
CA ASP A 150 -1.57 15.35 6.90
C ASP A 150 -1.00 13.93 6.86
N TRP A 151 0.21 13.73 7.35
CA TRP A 151 0.83 12.40 7.28
C TRP A 151 0.12 11.34 8.08
N ALA A 152 -0.73 11.72 9.05
CA ALA A 152 -1.56 10.74 9.76
C ALA A 152 -2.49 9.96 8.81
N LYS A 153 -2.77 10.54 7.66
CA LYS A 153 -3.67 9.90 6.67
C LYS A 153 -2.95 9.18 5.54
N VAL A 154 -1.64 9.15 5.58
CA VAL A 154 -0.82 8.59 4.48
C VAL A 154 -0.13 7.32 4.95
N VAL A 155 -0.06 6.35 4.04
CA VAL A 155 0.71 5.15 4.18
C VAL A 155 1.57 5.08 2.92
N ILE A 156 2.85 4.73 3.07
CA ILE A 156 3.72 4.58 1.87
C ILE A 156 3.92 3.08 1.66
N ALA A 157 3.91 2.67 0.40
CA ALA A 157 4.26 1.25 0.08
C ALA A 157 5.47 1.34 -0.83
N TYR A 158 6.49 0.58 -0.52
CA TYR A 158 7.63 0.36 -1.40
C TYR A 158 7.34 -0.80 -2.31
N GLU A 159 7.18 -0.53 -3.61
N GLU A 159 7.19 -0.50 -3.60
CA GLU A 159 6.74 -1.58 -4.53
CA GLU A 159 6.75 -1.48 -4.61
C GLU A 159 7.55 -1.49 -5.81
C GLU A 159 7.67 -1.34 -5.82
N PRO A 160 8.81 -2.01 -5.77
CA PRO A 160 9.70 -1.89 -6.90
C PRO A 160 9.14 -2.62 -8.13
N VAL A 161 9.24 -1.99 -9.30
CA VAL A 161 8.52 -2.52 -10.50
C VAL A 161 8.98 -3.94 -10.87
N TRP A 162 10.27 -4.16 -10.65
CA TRP A 162 10.89 -5.45 -10.92
C TRP A 162 10.33 -6.62 -10.10
N ALA A 163 9.61 -6.31 -9.01
CA ALA A 163 9.02 -7.32 -8.16
C ALA A 163 7.53 -7.51 -8.39
N ILE A 164 6.94 -6.66 -9.23
CA ILE A 164 5.46 -6.68 -9.43
C ILE A 164 5.10 -7.68 -10.49
N GLY A 165 4.50 -8.77 -10.04
CA GLY A 165 3.95 -9.76 -10.96
C GLY A 165 4.99 -10.66 -11.59
N THR A 166 6.23 -10.54 -11.18
CA THR A 166 7.37 -11.23 -11.77
C THR A 166 7.78 -12.47 -11.02
N GLY A 167 7.26 -12.65 -9.80
CA GLY A 167 7.75 -13.69 -8.90
C GLY A 167 9.10 -13.44 -8.26
N LYS A 168 9.69 -12.27 -8.49
CA LYS A 168 11.00 -11.91 -7.95
C LYS A 168 10.81 -10.93 -6.76
N VAL A 169 10.68 -11.48 -5.58
CA VAL A 169 10.46 -10.68 -4.38
C VAL A 169 11.77 -9.99 -3.95
N ALA A 170 11.68 -8.79 -3.41
CA ALA A 170 12.81 -8.21 -2.74
C ALA A 170 13.27 -9.11 -1.59
N THR A 171 14.58 -9.21 -1.41
CA THR A 171 15.10 -9.91 -0.23
C THR A 171 14.82 -9.07 1.01
N PRO A 172 14.81 -9.70 2.19
CA PRO A 172 14.67 -8.90 3.41
C PRO A 172 15.64 -7.75 3.51
N GLN A 173 16.88 -7.95 3.13
CA GLN A 173 17.83 -6.88 3.17
C GLN A 173 17.51 -5.74 2.19
N GLN A 174 17.05 -6.10 0.98
CA GLN A 174 16.66 -5.07 0.01
C GLN A 174 15.44 -4.24 0.49
N ALA A 175 14.45 -4.92 1.01
CA ALA A 175 13.24 -4.21 1.51
C ALA A 175 13.64 -3.31 2.66
N GLN A 176 14.39 -3.87 3.62
CA GLN A 176 14.81 -3.07 4.78
C GLN A 176 15.59 -1.83 4.36
N GLU A 177 16.55 -1.94 3.46
CA GLU A 177 17.32 -0.84 3.04
C GLU A 177 16.46 0.32 2.40
N ALA A 178 15.49 -0.08 1.57
CA ALA A 178 14.65 0.88 0.94
C ALA A 178 13.74 1.54 1.96
N HIS A 179 13.13 0.72 2.81
CA HIS A 179 12.24 1.26 3.83
C HIS A 179 12.98 2.21 4.81
N ALA A 180 14.19 1.85 5.16
CA ALA A 180 14.99 2.72 6.03
C ALA A 180 15.36 4.03 5.39
N LEU A 181 15.71 3.98 4.11
CA LEU A 181 16.00 5.15 3.32
C LEU A 181 14.82 6.09 3.30
N ILE A 182 13.61 5.55 3.06
CA ILE A 182 12.40 6.41 3.08
C ILE A 182 12.18 7.02 4.47
N ARG A 183 12.26 6.17 5.47
CA ARG A 183 11.94 6.64 6.82
C ARG A 183 12.92 7.70 7.26
N SER A 184 14.19 7.55 6.92
CA SER A 184 15.18 8.49 7.37
CA SER A 184 15.21 8.48 7.34
C SER A 184 15.01 9.84 6.69
N TRP A 185 14.57 9.83 5.43
CA TRP A 185 14.24 11.04 4.72
C TRP A 185 13.05 11.74 5.39
N VAL A 186 12.01 10.97 5.73
CA VAL A 186 10.85 11.55 6.38
C VAL A 186 11.29 12.14 7.75
N SER A 187 12.13 11.42 8.44
CA SER A 187 12.57 11.90 9.77
C SER A 187 13.28 13.26 9.64
N SER A 188 14.18 13.36 8.68
CA SER A 188 14.98 14.54 8.43
C SER A 188 14.19 15.71 7.88
N LYS A 189 13.28 15.46 6.94
CA LYS A 189 12.63 16.55 6.23
C LYS A 189 11.25 16.91 6.78
N ILE A 190 10.57 15.94 7.42
CA ILE A 190 9.21 16.16 7.97
C ILE A 190 9.26 16.22 9.46
N GLY A 191 9.85 15.20 10.08
CA GLY A 191 9.99 15.16 11.52
C GLY A 191 10.13 13.76 12.03
N ALA A 192 10.80 13.61 13.16
CA ALA A 192 10.98 12.27 13.74
C ALA A 192 9.70 11.63 14.23
N ASP A 193 8.80 12.45 14.77
CA ASP A 193 7.49 11.99 15.19
C ASP A 193 6.70 11.34 14.04
N VAL A 194 6.62 12.09 12.95
CA VAL A 194 5.94 11.56 11.74
C VAL A 194 6.62 10.29 11.27
N ALA A 195 7.95 10.29 11.23
CA ALA A 195 8.67 9.12 10.73
C ALA A 195 8.44 7.87 11.52
N GLY A 196 8.35 8.02 12.84
CA GLY A 196 8.09 6.92 13.71
C GLY A 196 6.71 6.30 13.57
N GLU A 197 5.70 7.11 13.28
CA GLU A 197 4.32 6.69 13.16
C GLU A 197 3.97 6.22 11.73
N LEU A 198 4.81 6.53 10.78
CA LEU A 198 4.51 6.23 9.36
C LEU A 198 4.55 4.73 9.12
N ARG A 199 3.52 4.20 8.47
CA ARG A 199 3.57 2.85 7.99
C ARG A 199 4.19 2.82 6.58
N ILE A 200 5.21 1.99 6.44
CA ILE A 200 5.87 1.71 5.14
C ILE A 200 5.69 0.24 4.87
N LEU A 201 4.90 -0.08 3.86
CA LEU A 201 4.51 -1.44 3.50
C LEU A 201 5.39 -1.89 2.35
N TYR A 202 5.56 -3.21 2.21
CA TYR A 202 6.32 -3.77 1.07
C TYR A 202 5.32 -4.44 0.14
N GLY A 203 5.47 -4.22 -1.16
CA GLY A 203 4.68 -4.96 -2.16
C GLY A 203 5.55 -5.41 -3.31
N GLY A 204 5.13 -6.55 -3.89
CA GLY A 204 5.83 -7.09 -5.05
C GLY A 204 6.20 -8.50 -4.77
N SER A 205 5.42 -9.41 -5.32
CA SER A 205 5.64 -10.86 -5.18
C SER A 205 5.64 -11.37 -3.76
N VAL A 206 4.95 -10.67 -2.85
CA VAL A 206 4.72 -11.21 -1.52
C VAL A 206 3.81 -12.43 -1.59
N ASN A 207 4.14 -13.44 -0.80
CA ASN A 207 3.34 -14.65 -0.69
C ASN A 207 3.35 -15.20 0.73
N GLY A 208 2.66 -16.33 0.96
CA GLY A 208 2.51 -16.86 2.30
C GLY A 208 3.79 -17.42 2.90
N LYS A 209 4.79 -17.67 2.06
CA LYS A 209 6.07 -18.18 2.48
C LYS A 209 7.14 -17.15 2.77
N ASN A 210 7.09 -15.99 2.08
CA ASN A 210 8.14 -15.01 2.26
C ASN A 210 7.75 -13.83 3.16
N ALA A 211 6.46 -13.75 3.49
CA ALA A 211 5.97 -12.55 4.22
C ALA A 211 6.53 -12.45 5.62
N ARG A 212 6.51 -13.57 6.36
CA ARG A 212 6.98 -13.47 7.75
C ARG A 212 8.43 -12.97 7.91
N THR A 213 9.34 -13.49 7.07
CA THR A 213 10.76 -13.09 7.15
C THR A 213 10.93 -11.60 6.73
N LEU A 214 10.10 -11.13 5.80
CA LEU A 214 10.06 -9.69 5.47
C LEU A 214 9.60 -8.82 6.64
N TYR A 215 8.55 -9.27 7.34
CA TYR A 215 7.96 -8.51 8.44
C TYR A 215 8.92 -8.39 9.59
N GLN A 216 9.81 -9.36 9.75
CA GLN A 216 10.76 -9.27 10.84
C GLN A 216 11.78 -8.16 10.72
N GLN A 217 11.91 -7.53 9.54
CA GLN A 217 12.73 -6.37 9.37
C GLN A 217 12.21 -5.11 10.09
N ARG A 218 13.13 -4.29 10.61
CA ARG A 218 12.77 -3.20 11.50
C ARG A 218 11.83 -2.17 10.92
N ASP A 219 11.99 -1.91 9.62
CA ASP A 219 11.24 -0.81 9.02
C ASP A 219 10.10 -1.26 8.11
N VAL A 220 9.71 -2.51 8.16
CA VAL A 220 8.62 -3.05 7.34
C VAL A 220 7.38 -3.08 8.22
N ASN A 221 6.30 -2.43 7.76
CA ASN A 221 5.07 -2.39 8.54
C ASN A 221 3.88 -3.11 7.94
N GLY A 222 4.11 -4.00 6.99
CA GLY A 222 3.08 -4.75 6.36
C GLY A 222 3.28 -4.87 4.88
N PHE A 223 2.19 -5.20 4.20
CA PHE A 223 2.24 -5.75 2.85
C PHE A 223 1.12 -5.30 1.95
N LEU A 224 1.43 -5.21 0.64
CA LEU A 224 0.41 -5.27 -0.42
C LEU A 224 0.57 -6.58 -1.13
N ALA A 225 -0.51 -7.30 -1.33
CA ALA A 225 -0.44 -8.59 -2.07
C ALA A 225 -1.69 -8.80 -2.85
N GLY A 226 -1.76 -9.89 -3.62
CA GLY A 226 -3.02 -10.20 -4.24
C GLY A 226 -4.07 -10.78 -3.32
N LEU A 227 -5.32 -10.68 -3.71
CA LEU A 227 -6.39 -11.29 -3.00
C LEU A 227 -6.51 -12.77 -3.43
N LYS A 228 -5.98 -13.64 -2.57
CA LYS A 228 -5.82 -15.11 -2.78
C LYS A 228 -5.96 -15.76 -1.41
N PRO A 229 -6.19 -17.09 -1.36
CA PRO A 229 -6.33 -17.77 -0.08
C PRO A 229 -5.12 -17.60 0.87
N GLU A 230 -3.91 -17.54 0.28
CA GLU A 230 -2.66 -17.34 1.07
C GLU A 230 -2.59 -16.01 1.76
N PHE A 231 -3.46 -15.08 1.39
CA PHE A 231 -3.47 -13.80 2.13
C PHE A 231 -3.76 -13.97 3.62
N VAL A 232 -4.49 -15.02 4.01
CA VAL A 232 -4.63 -15.34 5.42
C VAL A 232 -3.26 -15.47 6.10
N ASP A 233 -2.32 -16.12 5.41
CA ASP A 233 -0.97 -16.27 5.97
C ASP A 233 -0.14 -14.97 5.94
N ILE A 234 -0.42 -14.12 4.95
CA ILE A 234 0.21 -12.80 4.90
C ILE A 234 -0.27 -11.97 6.10
N ILE A 235 -1.56 -12.03 6.45
CA ILE A 235 -2.04 -11.35 7.66
C ILE A 235 -1.30 -11.89 8.90
N LYS A 236 -1.21 -13.21 9.04
CA LYS A 236 -0.55 -13.82 10.22
C LYS A 236 0.88 -13.35 10.33
N ALA A 237 1.55 -13.14 9.18
CA ALA A 237 2.92 -12.69 9.15
C ALA A 237 3.16 -11.31 9.81
N THR A 238 2.10 -10.50 9.96
CA THR A 238 2.23 -9.19 10.59
C THR A 238 2.14 -9.16 12.12
N GLN A 239 2.15 -10.37 12.70
CA GLN A 239 2.18 -10.52 14.15
C GLN A 239 3.51 -10.02 14.74
C GOA B . 2.23 -8.81 -7.02
CA GOA B . 1.26 -8.75 -8.18
O GOA B . 1.77 -8.75 -5.76
OXT GOA B . 3.43 -8.94 -7.22
O2 GOA B . 0.74 -10.08 -8.38
#